data_7TH5
#
_entry.id   7TH5
#
_cell.length_a   60.496
_cell.length_b   91.288
_cell.length_c   130.261
_cell.angle_alpha   90.000
_cell.angle_beta   90.000
_cell.angle_gamma   90.000
#
_symmetry.space_group_name_H-M   'P 21 21 21'
#
loop_
_entity.id
_entity.type
_entity.pdbx_description
1 polymer 'Methylenetetrahydrofolate reductase'
2 non-polymer 'FLAVIN-ADENINE DINUCLEOTIDE'
3 non-polymer 'SODIUM ION'
4 water water
#
_entity_poly.entity_id   1
_entity_poly.type   'polypeptide(L)'
_entity_poly.pdbx_seq_one_letter_code
;MKIRDLLKARRGPLFSFEFFPPKDPEGEEALFRTLEELKAFRPAFVSITYGAMGSTRERSVAWAQRIQSLGLNPLAHLTV
AGQSRKEVAEVLHRFVESGVENLLALRGDPPRGERVFRPHPEGFRYAAELVALIRERYGDRVSVGGAAYPEGHPESESLE
ADLRHFKAKVEAGLDFAITQLFFNNAHYFGFLERARRAGIGIPILPGIMPVTSYRQLRRFTEVCGASIPGPLLAKLERHQ
DDPKAVLEIGVEHAVRQVAELLEAGVEGVHFYTLNKSPATRMVLERLGLRPASGQP
;
_entity_poly.pdbx_strand_id   A,B
#
loop_
_chem_comp.id
_chem_comp.type
_chem_comp.name
_chem_comp.formula
FAD non-polymer 'FLAVIN-ADENINE DINUCLEOTIDE' 'C27 H33 N9 O15 P2'
NA non-polymer 'SODIUM ION' 'Na 1'
#
# COMPACT_ATOMS: atom_id res chain seq x y z
N MET A 1 -30.23 8.35 12.29
CA MET A 1 -30.50 7.81 10.96
C MET A 1 -29.51 6.68 10.70
N LYS A 2 -29.96 5.62 10.02
CA LYS A 2 -29.12 4.47 9.72
C LYS A 2 -28.11 4.88 8.67
N ILE A 3 -26.86 4.43 8.85
CA ILE A 3 -25.80 4.79 7.93
C ILE A 3 -26.09 4.17 6.56
N ARG A 4 -26.77 3.03 6.59
CA ARG A 4 -27.28 2.39 5.38
C ARG A 4 -28.04 3.39 4.52
N ASP A 5 -28.94 4.16 5.16
CA ASP A 5 -29.79 5.10 4.45
C ASP A 5 -29.06 6.41 4.09
N LEU A 6 -28.19 6.91 4.97
CA LEU A 6 -27.42 8.12 4.66
C LEU A 6 -26.58 7.88 3.41
N LEU A 7 -26.02 6.69 3.29
CA LEU A 7 -25.10 6.42 2.20
C LEU A 7 -25.86 6.42 0.86
N LYS A 8 -27.10 5.90 0.88
CA LYS A 8 -27.92 5.91 -0.32
C LYS A 8 -28.51 7.30 -0.61
N ALA A 9 -29.02 7.98 0.43
CA ALA A 9 -29.68 9.27 0.26
C ALA A 9 -28.71 10.34 -0.22
N ARG A 10 -27.48 10.32 0.33
CA ARG A 10 -26.54 11.42 0.13
C ARG A 10 -25.56 11.08 -0.99
N ARG A 11 -25.52 11.98 -1.97
CA ARG A 11 -24.70 11.81 -3.15
C ARG A 11 -23.31 12.40 -2.90
N GLY A 12 -23.20 13.40 -2.02
CA GLY A 12 -21.90 13.84 -1.54
C GLY A 12 -21.40 12.96 -0.40
N PRO A 13 -20.18 13.25 0.11
CA PRO A 13 -19.54 12.43 1.14
C PRO A 13 -20.14 12.54 2.53
N LEU A 14 -20.16 11.41 3.27
CA LEU A 14 -20.41 11.47 4.70
C LEU A 14 -19.08 11.80 5.38
N PHE A 15 -19.10 12.71 6.36
CA PHE A 15 -17.94 12.89 7.21
C PHE A 15 -18.25 12.33 8.59
N SER A 16 -17.26 11.65 9.16
CA SER A 16 -17.48 10.98 10.43
C SER A 16 -16.21 11.13 11.27
N PHE A 17 -16.40 11.14 12.60
CA PHE A 17 -15.33 11.26 13.58
C PHE A 17 -15.36 10.09 14.55
N GLU A 18 -14.17 9.56 14.86
CA GLU A 18 -14.05 8.50 15.84
C GLU A 18 -13.48 9.05 17.14
N PHE A 19 -14.19 8.71 18.21
CA PHE A 19 -13.79 9.09 19.55
C PHE A 19 -13.68 7.87 20.44
N PHE A 20 -12.87 8.01 21.50
CA PHE A 20 -12.84 6.96 22.51
C PHE A 20 -13.42 7.50 23.82
N PRO A 21 -14.06 6.65 24.66
CA PRO A 21 -14.58 7.08 25.96
C PRO A 21 -13.45 7.42 26.90
N PRO A 22 -13.31 8.69 27.36
CA PRO A 22 -12.29 9.04 28.34
C PRO A 22 -12.54 8.39 29.71
N LYS A 23 -11.48 8.29 30.51
CA LYS A 23 -11.52 7.57 31.77
C LYS A 23 -11.91 8.46 32.94
N ASP A 24 -11.89 9.78 32.76
CA ASP A 24 -11.95 10.68 33.90
C ASP A 24 -12.49 12.06 33.48
N PRO A 25 -12.80 12.91 34.48
CA PRO A 25 -13.34 14.24 34.21
C PRO A 25 -12.50 15.06 33.25
N GLU A 26 -11.19 15.01 33.40
CA GLU A 26 -10.35 15.81 32.55
C GLU A 26 -10.52 15.33 31.10
N GLY A 27 -10.38 14.04 30.85
CA GLY A 27 -10.62 13.48 29.52
C GLY A 27 -12.01 13.80 28.98
N GLU A 28 -13.05 13.79 29.83
CA GLU A 28 -14.40 14.08 29.38
C GLU A 28 -14.51 15.54 28.93
N GLU A 29 -13.92 16.45 29.71
CA GLU A 29 -13.98 17.88 29.41
C GLU A 29 -13.33 18.08 28.05
N ALA A 30 -12.22 17.38 27.84
CA ALA A 30 -11.45 17.48 26.61
C ALA A 30 -12.28 17.00 25.42
N LEU A 31 -13.01 15.89 25.56
CA LEU A 31 -13.83 15.39 24.46
C LEU A 31 -15.02 16.31 24.18
N PHE A 32 -15.66 16.82 25.25
CA PHE A 32 -16.77 17.75 25.05
C PHE A 32 -16.27 19.00 24.32
N ARG A 33 -15.04 19.43 24.57
CA ARG A 33 -14.47 20.58 23.85
C ARG A 33 -14.23 20.18 22.38
N THR A 34 -13.69 18.98 22.16
CA THR A 34 -13.45 18.53 20.80
C THR A 34 -14.77 18.43 20.02
N LEU A 35 -15.79 17.86 20.68
CA LEU A 35 -17.10 17.71 20.09
C LEU A 35 -17.71 19.07 19.75
N GLU A 36 -17.57 20.01 20.68
CA GLU A 36 -18.14 21.33 20.39
C GLU A 36 -17.52 21.89 19.11
N GLU A 37 -16.20 21.74 18.95
CA GLU A 37 -15.49 22.28 17.82
C GLU A 37 -15.90 21.54 16.55
N LEU A 38 -15.89 20.21 16.61
CA LEU A 38 -16.03 19.40 15.40
C LEU A 38 -17.48 19.28 14.92
N LYS A 39 -18.45 19.43 15.83
CA LYS A 39 -19.84 19.33 15.43
C LYS A 39 -20.20 20.38 14.37
N ALA A 40 -19.43 21.46 14.26
CA ALA A 40 -19.71 22.48 13.26
C ALA A 40 -19.58 21.95 11.82
N PHE A 41 -18.82 20.84 11.66
CA PHE A 41 -18.60 20.24 10.36
C PHE A 41 -19.77 19.37 9.99
N ARG A 42 -20.71 19.19 10.91
CA ARG A 42 -21.95 18.46 10.67
C ARG A 42 -21.64 17.07 10.16
N PRO A 43 -20.99 16.25 11.00
CA PRO A 43 -20.73 14.88 10.61
C PRO A 43 -22.04 14.10 10.48
N ALA A 44 -22.10 13.08 9.59
CA ALA A 44 -23.32 12.29 9.44
C ALA A 44 -23.42 11.27 10.58
N PHE A 45 -22.26 10.91 11.14
CA PHE A 45 -22.18 10.06 12.31
C PHE A 45 -20.87 10.31 13.03
N VAL A 46 -20.85 9.81 14.27
CA VAL A 46 -19.73 9.85 15.17
C VAL A 46 -19.62 8.48 15.81
N SER A 47 -18.42 7.91 15.78
CA SER A 47 -18.26 6.60 16.35
C SER A 47 -17.57 6.72 17.73
N ILE A 48 -17.96 5.76 18.58
CA ILE A 48 -17.49 5.64 19.95
C ILE A 48 -16.97 4.21 20.13
N THR A 49 -15.67 4.10 20.46
CA THR A 49 -14.98 2.83 20.53
C THR A 49 -15.36 2.09 21.80
N TYR A 50 -14.95 0.82 21.83
CA TYR A 50 -15.30 -0.13 22.87
C TYR A 50 -14.02 -0.88 23.27
N GLY A 51 -13.77 -0.88 24.56
CA GLY A 51 -12.51 -1.35 25.11
C GLY A 51 -12.56 -2.87 25.09
N ALA A 52 -11.53 -3.46 24.44
CA ALA A 52 -11.49 -4.75 23.76
C ALA A 52 -12.27 -5.82 24.47
N MET A 53 -12.27 -5.90 25.84
CA MET A 53 -12.89 -7.00 26.60
C MET A 53 -14.10 -6.61 27.45
N GLY A 54 -14.66 -5.41 27.23
CA GLY A 54 -15.94 -5.07 27.82
C GLY A 54 -15.87 -4.42 29.19
N SER A 55 -14.68 -4.33 29.80
CA SER A 55 -14.57 -3.77 31.14
C SER A 55 -15.02 -2.32 31.23
N THR A 56 -14.96 -1.57 30.11
CA THR A 56 -15.43 -0.19 30.11
C THR A 56 -16.70 0.03 29.31
N ARG A 57 -17.53 -1.02 29.26
CA ARG A 57 -18.71 -1.00 28.40
C ARG A 57 -19.68 0.10 28.83
N GLU A 58 -19.78 0.41 30.13
CA GLU A 58 -20.75 1.41 30.57
C GLU A 58 -20.28 2.83 30.20
N ARG A 59 -18.96 3.05 30.02
CA ARG A 59 -18.49 4.32 29.48
C ARG A 59 -18.90 4.46 28.00
N SER A 60 -18.84 3.34 27.27
CA SER A 60 -19.16 3.35 25.85
C SER A 60 -20.65 3.63 25.69
N VAL A 61 -21.47 3.07 26.61
CA VAL A 61 -22.91 3.31 26.55
C VAL A 61 -23.22 4.77 26.90
N ALA A 62 -22.56 5.27 27.93
CA ALA A 62 -22.79 6.64 28.36
C ALA A 62 -22.43 7.59 27.22
N TRP A 63 -21.27 7.39 26.60
CA TRP A 63 -20.89 8.23 25.47
C TRP A 63 -21.84 8.04 24.28
N ALA A 64 -22.37 6.82 24.03
CA ALA A 64 -23.34 6.68 22.95
C ALA A 64 -24.55 7.54 23.30
N GLN A 65 -24.92 7.56 24.57
CA GLN A 65 -26.11 8.31 24.99
C GLN A 65 -25.86 9.80 24.88
N ARG A 66 -24.72 10.25 25.37
CA ARG A 66 -24.29 11.63 25.16
C ARG A 66 -24.35 12.05 23.69
N ILE A 67 -23.82 11.24 22.77
CA ILE A 67 -23.76 11.64 21.35
C ILE A 67 -25.17 11.69 20.75
N GLN A 68 -25.95 10.63 20.98
CA GLN A 68 -27.36 10.59 20.61
C GLN A 68 -28.11 11.82 21.14
N SER A 69 -27.92 12.23 22.41
CA SER A 69 -28.63 13.40 22.91
C SER A 69 -28.09 14.72 22.38
N LEU A 70 -26.87 14.75 21.84
CA LEU A 70 -26.36 15.97 21.27
C LEU A 70 -26.85 16.12 19.83
N GLY A 71 -27.75 15.24 19.37
CA GLY A 71 -28.27 15.38 18.02
C GLY A 71 -27.29 14.83 16.98
N LEU A 72 -26.28 14.11 17.45
CA LEU A 72 -25.31 13.52 16.56
C LEU A 72 -25.69 12.05 16.49
N ASN A 73 -25.13 11.36 15.54
CA ASN A 73 -25.72 10.10 15.18
C ASN A 73 -24.69 9.02 15.57
N PRO A 74 -24.82 8.35 16.73
CA PRO A 74 -23.75 7.49 17.21
C PRO A 74 -23.63 6.19 16.40
N LEU A 75 -22.38 5.87 16.10
CA LEU A 75 -22.04 4.54 15.66
C LEU A 75 -21.32 3.85 16.82
N ALA A 76 -21.98 2.88 17.46
CA ALA A 76 -21.41 2.23 18.63
C ALA A 76 -20.59 1.01 18.24
N HIS A 77 -19.31 1.03 18.62
CA HIS A 77 -18.46 -0.13 18.41
C HIS A 77 -18.78 -1.14 19.50
N LEU A 78 -18.51 -2.42 19.20
CA LEU A 78 -18.75 -3.52 20.12
C LEU A 78 -17.94 -4.73 19.69
N THR A 79 -17.22 -5.31 20.66
CA THR A 79 -16.27 -6.38 20.46
C THR A 79 -16.81 -7.69 21.06
N VAL A 80 -16.15 -8.80 20.73
CA VAL A 80 -16.53 -10.08 21.32
C VAL A 80 -15.46 -10.58 22.31
N ALA A 81 -14.26 -9.97 22.33
CA ALA A 81 -13.15 -10.44 23.16
C ALA A 81 -13.55 -10.44 24.62
N GLY A 82 -13.21 -11.55 25.31
CA GLY A 82 -13.22 -11.60 26.76
C GLY A 82 -14.61 -11.51 27.36
N GLN A 83 -15.64 -11.82 26.58
CA GLN A 83 -17.01 -11.64 27.01
C GLN A 83 -17.80 -12.84 26.51
N SER A 84 -18.82 -13.24 27.29
CA SER A 84 -19.72 -14.30 26.82
C SER A 84 -20.68 -13.74 25.79
N ARG A 85 -21.29 -14.61 24.96
CA ARG A 85 -22.37 -14.21 24.06
C ARG A 85 -23.44 -13.42 24.82
N LYS A 86 -23.92 -13.96 25.93
CA LYS A 86 -24.90 -13.28 26.76
C LYS A 86 -24.46 -11.86 27.09
N GLU A 87 -23.21 -11.71 27.55
CA GLU A 87 -22.68 -10.41 27.93
C GLU A 87 -22.73 -9.46 26.75
N VAL A 88 -22.35 -9.98 25.59
CA VAL A 88 -22.35 -9.19 24.37
C VAL A 88 -23.77 -8.79 24.00
N ALA A 89 -24.74 -9.71 24.12
CA ALA A 89 -26.13 -9.43 23.77
C ALA A 89 -26.72 -8.40 24.71
N GLU A 90 -26.36 -8.49 25.99
CA GLU A 90 -26.79 -7.51 26.98
C GLU A 90 -26.34 -6.11 26.58
N VAL A 91 -25.04 -5.91 26.28
CA VAL A 91 -24.55 -4.58 25.93
C VAL A 91 -25.23 -4.11 24.64
N LEU A 92 -25.32 -5.02 23.66
CA LEU A 92 -26.00 -4.75 22.38
C LEU A 92 -27.39 -4.16 22.65
N HIS A 93 -28.18 -4.87 23.47
CA HIS A 93 -29.50 -4.43 23.85
C HIS A 93 -29.44 -3.04 24.49
N ARG A 94 -28.48 -2.79 25.38
CA ARG A 94 -28.46 -1.48 26.02
C ARG A 94 -28.25 -0.37 24.96
N PHE A 95 -27.32 -0.59 24.03
CA PHE A 95 -27.11 0.39 22.97
C PHE A 95 -28.44 0.70 22.26
N VAL A 96 -29.15 -0.35 21.84
CA VAL A 96 -30.35 -0.18 21.03
C VAL A 96 -31.41 0.48 21.90
N GLU A 97 -31.59 0.01 23.13
CA GLU A 97 -32.52 0.61 24.07
C GLU A 97 -32.27 2.12 24.26
N SER A 98 -30.99 2.55 24.17
CA SER A 98 -30.61 3.95 24.30
C SER A 98 -30.82 4.73 22.99
N GLY A 99 -31.37 4.08 21.95
CA GLY A 99 -31.65 4.73 20.68
C GLY A 99 -30.55 4.58 19.63
N VAL A 100 -29.47 3.83 19.92
CA VAL A 100 -28.39 3.66 18.94
C VAL A 100 -28.97 2.82 17.80
N GLU A 101 -28.77 3.19 16.53
CA GLU A 101 -29.24 2.29 15.48
C GLU A 101 -28.13 1.94 14.49
N ASN A 102 -26.88 2.14 14.91
CA ASN A 102 -25.73 1.91 14.06
C ASN A 102 -24.66 1.27 14.94
N LEU A 103 -24.21 0.10 14.54
CA LEU A 103 -23.24 -0.68 15.29
C LEU A 103 -22.07 -1.07 14.40
N LEU A 104 -20.89 -1.03 14.99
CA LEU A 104 -19.69 -1.52 14.33
C LEU A 104 -19.29 -2.80 15.05
N ALA A 105 -19.44 -3.94 14.37
CA ALA A 105 -19.18 -5.25 14.97
C ALA A 105 -17.71 -5.63 14.79
N LEU A 106 -17.01 -5.85 15.89
CA LEU A 106 -15.57 -6.10 15.85
C LEU A 106 -15.20 -7.32 16.67
N ARG A 107 -14.03 -7.89 16.42
CA ARG A 107 -13.55 -8.94 17.32
C ARG A 107 -13.01 -8.37 18.64
N GLY A 108 -12.24 -7.26 18.60
CA GLY A 108 -11.33 -6.94 19.68
C GLY A 108 -9.99 -7.68 19.59
N ASP A 109 -9.05 -7.27 20.45
CA ASP A 109 -7.68 -7.77 20.43
C ASP A 109 -7.35 -8.42 21.75
N PRO A 110 -6.45 -9.43 21.80
CA PRO A 110 -6.06 -10.05 23.05
C PRO A 110 -5.24 -9.01 23.78
N PRO A 111 -4.89 -9.25 25.06
CA PRO A 111 -4.07 -8.30 25.80
C PRO A 111 -2.75 -8.05 25.11
N ARG A 112 -2.24 -6.85 25.33
CA ARG A 112 -0.90 -6.50 24.93
C ARG A 112 0.08 -7.51 25.51
N GLY A 113 0.91 -8.10 24.65
CA GLY A 113 1.85 -9.13 25.07
C GLY A 113 1.40 -10.53 24.66
N GLU A 114 0.08 -10.78 24.52
CA GLU A 114 -0.41 -12.09 24.12
C GLU A 114 -0.61 -12.09 22.60
N ARG A 115 -0.14 -13.14 21.93
CA ARG A 115 -0.12 -13.13 20.48
C ARG A 115 -1.29 -13.94 19.94
N VAL A 116 -1.70 -15.00 20.65
CA VAL A 116 -2.88 -15.76 20.26
C VAL A 116 -4.12 -15.11 20.87
N PHE A 117 -5.06 -14.70 20.02
CA PHE A 117 -6.45 -14.47 20.41
C PHE A 117 -7.11 -15.79 20.77
N ARG A 118 -7.76 -15.86 21.91
CA ARG A 118 -8.54 -17.04 22.25
C ARG A 118 -9.89 -16.53 22.71
N PRO A 119 -11.01 -17.06 22.18
CA PRO A 119 -12.31 -16.54 22.56
C PRO A 119 -12.57 -16.81 24.04
N HIS A 120 -13.53 -16.09 24.59
CA HIS A 120 -14.11 -16.44 25.87
C HIS A 120 -14.70 -17.84 25.72
N PRO A 121 -14.59 -18.74 26.72
CA PRO A 121 -15.04 -20.13 26.54
C PRO A 121 -16.51 -20.24 26.15
N GLU A 122 -17.32 -19.26 26.51
CA GLU A 122 -18.66 -19.21 25.97
C GLU A 122 -18.88 -17.93 25.20
N GLY A 123 -17.82 -17.38 24.58
CA GLY A 123 -17.97 -16.20 23.73
C GLY A 123 -17.85 -16.53 22.24
N PHE A 124 -17.92 -15.51 21.39
CA PHE A 124 -17.73 -15.67 19.96
C PHE A 124 -16.25 -15.58 19.58
N ARG A 125 -15.85 -16.16 18.44
CA ARG A 125 -14.48 -16.02 17.96
C ARG A 125 -14.28 -14.94 16.90
N TYR A 126 -15.31 -14.66 16.08
CA TYR A 126 -15.13 -13.76 14.94
C TYR A 126 -16.20 -12.69 14.97
N ALA A 127 -15.86 -11.49 14.46
CA ALA A 127 -16.84 -10.42 14.34
C ALA A 127 -18.07 -10.90 13.58
N ALA A 128 -17.90 -11.76 12.58
CA ALA A 128 -19.02 -12.19 11.74
C ALA A 128 -20.16 -12.80 12.56
N GLU A 129 -19.80 -13.51 13.63
CA GLU A 129 -20.78 -14.07 14.53
C GLU A 129 -21.54 -12.97 15.27
N LEU A 130 -20.88 -11.85 15.58
CA LEU A 130 -21.60 -10.74 16.19
C LEU A 130 -22.56 -10.19 15.16
N VAL A 131 -22.08 -10.06 13.90
CA VAL A 131 -22.93 -9.52 12.85
C VAL A 131 -24.21 -10.35 12.80
N ALA A 132 -24.05 -11.68 12.80
CA ALA A 132 -25.16 -12.60 12.66
C ALA A 132 -26.12 -12.44 13.83
N LEU A 133 -25.58 -12.41 15.06
CA LEU A 133 -26.40 -12.11 16.21
C LEU A 133 -27.22 -10.84 15.99
N ILE A 134 -26.56 -9.74 15.61
CA ILE A 134 -27.29 -8.48 15.49
C ILE A 134 -28.48 -8.69 14.54
N ARG A 135 -28.21 -9.26 13.36
CA ARG A 135 -29.24 -9.42 12.37
C ARG A 135 -30.30 -10.41 12.88
N GLU A 136 -29.89 -11.47 13.58
CA GLU A 136 -30.86 -12.41 14.11
C GLU A 136 -31.84 -11.68 15.01
N ARG A 137 -31.35 -10.70 15.77
CA ARG A 137 -32.18 -10.13 16.80
C ARG A 137 -32.88 -8.87 16.35
N TYR A 138 -32.33 -8.12 15.39
CA TYR A 138 -32.79 -6.77 15.15
C TYR A 138 -33.09 -6.59 13.66
N GLY A 139 -32.75 -7.61 12.86
CA GLY A 139 -32.92 -7.53 11.40
C GLY A 139 -32.35 -6.24 10.83
N ASP A 140 -33.16 -5.57 10.01
CA ASP A 140 -32.75 -4.35 9.35
C ASP A 140 -33.20 -3.12 10.13
N ARG A 141 -33.54 -3.29 11.40
CA ARG A 141 -33.95 -2.14 12.20
C ARG A 141 -32.70 -1.37 12.65
N VAL A 142 -31.53 -1.99 12.53
CA VAL A 142 -30.27 -1.28 12.71
C VAL A 142 -29.42 -1.42 11.46
N SER A 143 -28.37 -0.60 11.43
CA SER A 143 -27.32 -0.64 10.42
C SER A 143 -26.02 -1.14 11.06
N VAL A 144 -25.35 -2.10 10.40
CA VAL A 144 -24.18 -2.78 10.95
C VAL A 144 -22.99 -2.59 10.01
N GLY A 145 -21.87 -2.15 10.62
CA GLY A 145 -20.62 -1.99 9.90
C GLY A 145 -19.55 -2.96 10.41
N GLY A 146 -18.50 -3.16 9.61
CA GLY A 146 -17.35 -3.92 10.05
C GLY A 146 -16.05 -3.23 9.65
N ALA A 147 -14.94 -3.76 10.15
CA ALA A 147 -13.61 -3.35 9.69
C ALA A 147 -13.14 -4.09 8.42
N ALA A 148 -12.35 -3.33 7.65
CA ALA A 148 -11.63 -3.77 6.49
C ALA A 148 -10.16 -3.35 6.63
N TYR A 149 -9.26 -4.18 6.10
CA TYR A 149 -7.82 -3.96 6.19
C TYR A 149 -7.23 -3.89 4.79
N PRO A 150 -7.11 -2.69 4.19
CA PRO A 150 -6.54 -2.58 2.86
C PRO A 150 -5.16 -3.21 2.75
N GLU A 151 -4.38 -3.26 3.84
CA GLU A 151 -3.04 -3.84 3.77
C GLU A 151 -3.04 -5.23 4.36
N GLY A 152 -4.23 -5.76 4.64
CA GLY A 152 -4.36 -7.11 5.19
C GLY A 152 -4.10 -7.11 6.70
N HIS A 153 -4.95 -7.83 7.45
CA HIS A 153 -4.88 -7.90 8.90
C HIS A 153 -3.60 -8.64 9.29
N PRO A 154 -2.83 -8.20 10.28
CA PRO A 154 -1.62 -8.91 10.70
C PRO A 154 -1.73 -10.39 11.00
N GLU A 155 -2.92 -10.90 11.37
CA GLU A 155 -3.05 -12.31 11.70
C GLU A 155 -3.46 -13.15 10.49
N SER A 156 -3.86 -12.55 9.38
CA SER A 156 -4.29 -13.34 8.22
C SER A 156 -3.12 -14.17 7.65
N GLU A 157 -3.37 -15.45 7.33
CA GLU A 157 -2.38 -16.33 6.71
C GLU A 157 -1.96 -15.81 5.32
N SER A 158 -2.85 -15.09 4.61
CA SER A 158 -2.52 -14.53 3.32
C SER A 158 -3.51 -13.43 2.99
N LEU A 159 -3.23 -12.67 1.94
CA LEU A 159 -4.12 -11.60 1.53
C LEU A 159 -5.38 -12.19 0.94
N GLU A 160 -5.26 -13.38 0.36
CA GLU A 160 -6.40 -14.09 -0.22
C GLU A 160 -7.33 -14.56 0.91
N ALA A 161 -6.78 -15.19 1.96
CA ALA A 161 -7.55 -15.52 3.16
C ALA A 161 -8.16 -14.27 3.79
N ASP A 162 -7.36 -13.19 3.89
CA ASP A 162 -7.83 -11.94 4.45
C ASP A 162 -9.12 -11.52 3.75
N LEU A 163 -9.11 -11.54 2.40
CA LEU A 163 -10.22 -11.05 1.61
C LEU A 163 -11.39 -12.03 1.72
N ARG A 164 -11.10 -13.32 1.74
CA ARG A 164 -12.20 -14.27 1.82
C ARG A 164 -12.90 -14.13 3.18
N HIS A 165 -12.15 -13.93 4.28
CA HIS A 165 -12.72 -13.76 5.61
C HIS A 165 -13.51 -12.46 5.71
N PHE A 166 -13.06 -11.41 5.06
CA PHE A 166 -13.80 -10.17 5.00
C PHE A 166 -15.13 -10.38 4.27
N LYS A 167 -15.11 -11.12 3.14
CA LYS A 167 -16.30 -11.39 2.35
C LYS A 167 -17.34 -12.15 3.18
N ALA A 168 -16.91 -13.19 3.89
CA ALA A 168 -17.81 -13.93 4.76
C ALA A 168 -18.43 -13.02 5.83
N LYS A 169 -17.65 -12.05 6.31
CA LYS A 169 -18.12 -11.13 7.31
C LYS A 169 -19.20 -10.25 6.68
N VAL A 170 -18.94 -9.79 5.45
CA VAL A 170 -19.92 -8.98 4.74
C VAL A 170 -21.22 -9.79 4.57
N GLU A 171 -21.07 -11.04 4.17
CA GLU A 171 -22.22 -11.87 3.88
C GLU A 171 -23.01 -12.19 5.16
N ALA A 172 -22.38 -12.19 6.34
CA ALA A 172 -23.16 -12.34 7.55
C ALA A 172 -24.16 -11.17 7.74
N GLY A 173 -23.96 -10.03 7.06
CA GLY A 173 -25.01 -9.00 7.00
C GLY A 173 -24.52 -7.58 7.27
N LEU A 174 -23.37 -7.18 6.71
CA LEU A 174 -22.87 -5.82 6.85
C LEU A 174 -23.55 -4.90 5.85
N ASP A 175 -23.76 -3.63 6.21
CA ASP A 175 -24.24 -2.58 5.32
C ASP A 175 -23.08 -1.75 4.80
N PHE A 176 -21.99 -1.69 5.59
CA PHE A 176 -20.84 -0.92 5.19
C PHE A 176 -19.62 -1.48 5.91
N ALA A 177 -18.47 -0.94 5.57
CA ALA A 177 -17.27 -1.19 6.34
C ALA A 177 -16.48 0.11 6.41
N ILE A 178 -15.59 0.17 7.40
CA ILE A 178 -14.62 1.25 7.54
C ILE A 178 -13.22 0.66 7.55
N THR A 179 -12.32 1.28 6.83
CA THR A 179 -10.96 0.76 6.75
C THR A 179 -10.15 1.16 7.97
N GLN A 180 -9.23 0.24 8.28
CA GLN A 180 -8.02 0.59 8.97
C GLN A 180 -7.36 1.81 8.35
N LEU A 181 -6.67 2.60 9.18
CA LEU A 181 -5.90 3.73 8.66
C LEU A 181 -4.90 3.34 7.55
N PHE A 182 -4.69 4.28 6.62
CA PHE A 182 -3.76 4.12 5.50
C PHE A 182 -3.30 5.51 5.13
N PHE A 183 -2.05 5.57 4.63
CA PHE A 183 -1.37 6.82 4.33
C PHE A 183 -1.07 7.04 2.85
N ASN A 184 -1.30 6.07 1.98
CA ASN A 184 -1.30 6.26 0.53
C ASN A 184 -2.63 5.77 -0.05
N ASN A 185 -3.33 6.64 -0.80
CA ASN A 185 -4.63 6.27 -1.33
C ASN A 185 -4.57 5.03 -2.23
N ALA A 186 -3.39 4.66 -2.77
CA ALA A 186 -3.27 3.46 -3.58
C ALA A 186 -3.70 2.24 -2.77
N HIS A 187 -3.39 2.20 -1.47
CA HIS A 187 -3.80 1.11 -0.60
C HIS A 187 -5.34 0.98 -0.56
N TYR A 188 -6.03 2.11 -0.43
CA TYR A 188 -7.49 2.13 -0.38
C TYR A 188 -8.08 1.72 -1.74
N PHE A 189 -7.67 2.39 -2.81
CA PHE A 189 -8.21 2.10 -4.13
C PHE A 189 -7.96 0.63 -4.51
N GLY A 190 -6.78 0.09 -4.17
CA GLY A 190 -6.45 -1.27 -4.56
C GLY A 190 -7.37 -2.26 -3.86
N PHE A 191 -7.53 -2.03 -2.57
CA PHE A 191 -8.40 -2.87 -1.78
C PHE A 191 -9.83 -2.84 -2.35
N LEU A 192 -10.36 -1.65 -2.62
CA LEU A 192 -11.69 -1.52 -3.22
C LEU A 192 -11.85 -2.38 -4.48
N GLU A 193 -10.86 -2.30 -5.36
CA GLU A 193 -10.94 -3.00 -6.64
C GLU A 193 -10.83 -4.50 -6.40
N ARG A 194 -10.08 -4.89 -5.37
CA ARG A 194 -10.03 -6.30 -4.96
C ARG A 194 -11.37 -6.75 -4.39
N ALA A 195 -12.01 -5.90 -3.56
CA ALA A 195 -13.24 -6.30 -2.91
C ALA A 195 -14.37 -6.50 -3.96
N ARG A 196 -14.54 -5.49 -4.79
CA ARG A 196 -15.41 -5.52 -5.95
C ARG A 196 -15.19 -6.75 -6.82
N ARG A 197 -13.94 -7.05 -7.17
CA ARG A 197 -13.69 -8.19 -8.00
C ARG A 197 -14.02 -9.47 -7.23
N ALA A 198 -14.11 -9.42 -5.89
CA ALA A 198 -14.52 -10.58 -5.13
C ALA A 198 -16.03 -10.62 -5.01
N GLY A 199 -16.71 -9.61 -5.58
CA GLY A 199 -18.17 -9.56 -5.54
C GLY A 199 -18.72 -8.85 -4.31
N ILE A 200 -17.92 -7.98 -3.68
CA ILE A 200 -18.42 -7.22 -2.55
C ILE A 200 -18.89 -5.89 -3.07
N GLY A 201 -20.15 -5.51 -2.82
CA GLY A 201 -20.64 -4.24 -3.32
C GLY A 201 -21.04 -3.22 -2.26
N ILE A 202 -20.86 -3.51 -0.96
CA ILE A 202 -21.17 -2.55 0.09
C ILE A 202 -20.23 -1.35 0.00
N PRO A 203 -20.69 -0.16 0.44
CA PRO A 203 -19.80 0.99 0.60
C PRO A 203 -18.70 0.71 1.60
N ILE A 204 -17.49 1.12 1.25
CA ILE A 204 -16.33 0.87 2.09
C ILE A 204 -15.69 2.21 2.36
N LEU A 205 -15.80 2.70 3.59
CA LEU A 205 -15.41 4.07 3.90
C LEU A 205 -13.95 4.13 4.35
N PRO A 206 -13.16 5.05 3.76
CA PRO A 206 -11.77 5.18 4.15
C PRO A 206 -11.64 5.77 5.55
N GLY A 207 -10.73 5.18 6.32
CA GLY A 207 -10.40 5.67 7.65
C GLY A 207 -9.07 6.42 7.61
N ILE A 208 -9.08 7.69 8.03
CA ILE A 208 -7.91 8.56 7.92
C ILE A 208 -7.51 9.04 9.31
N MET A 209 -6.23 8.88 9.67
CA MET A 209 -5.66 9.48 10.85
C MET A 209 -4.68 10.59 10.46
N PRO A 210 -4.99 11.88 10.72
CA PRO A 210 -4.03 12.96 10.61
C PRO A 210 -2.92 12.82 11.64
N VAL A 211 -1.68 12.77 11.19
CA VAL A 211 -0.56 12.55 12.10
C VAL A 211 -0.29 13.80 12.92
N THR A 212 -0.25 13.61 14.24
CA THR A 212 0.10 14.64 15.18
C THR A 212 1.35 14.26 16.00
N SER A 213 1.87 13.03 15.89
CA SER A 213 3.03 12.64 16.68
C SER A 213 3.79 11.55 15.95
N TYR A 214 5.09 11.77 15.79
CA TYR A 214 5.91 10.76 15.16
C TYR A 214 5.76 9.41 15.86
N ARG A 215 5.95 9.40 17.17
CA ARG A 215 6.06 8.15 17.91
C ARG A 215 4.75 7.39 17.87
N GLN A 216 3.64 8.13 17.88
CA GLN A 216 2.34 7.49 17.83
C GLN A 216 2.13 6.79 16.49
N LEU A 217 2.47 7.50 15.40
CA LEU A 217 2.43 6.92 14.08
C LEU A 217 3.18 5.59 14.07
N ARG A 218 4.41 5.62 14.59
CA ARG A 218 5.25 4.43 14.58
C ARG A 218 4.57 3.27 15.33
N ARG A 219 3.97 3.55 16.51
CA ARG A 219 3.38 2.50 17.31
C ARG A 219 2.12 1.93 16.66
N PHE A 220 1.25 2.86 16.23
CA PHE A 220 -0.01 2.49 15.60
C PHE A 220 0.25 1.58 14.39
N THR A 221 1.22 1.97 13.55
CA THR A 221 1.48 1.23 12.32
C THR A 221 2.23 -0.06 12.63
N GLU A 222 3.09 -0.01 13.64
CA GLU A 222 3.67 -1.24 14.12
C GLU A 222 2.58 -2.25 14.52
N VAL A 223 1.54 -1.79 15.22
CA VAL A 223 0.48 -2.66 15.73
C VAL A 223 -0.47 -3.06 14.60
N CYS A 224 -0.85 -2.11 13.74
CA CYS A 224 -1.88 -2.28 12.73
C CYS A 224 -1.40 -3.10 11.55
N GLY A 225 -0.12 -2.99 11.20
CA GLY A 225 0.38 -3.56 9.97
C GLY A 225 0.43 -2.52 8.85
N ALA A 226 -0.01 -1.29 9.10
CA ALA A 226 -0.11 -0.34 8.01
C ALA A 226 1.29 0.14 7.62
N SER A 227 1.43 0.69 6.40
CA SER A 227 2.74 1.15 5.94
C SER A 227 2.80 2.68 5.92
N ILE A 228 4.02 3.21 5.99
CA ILE A 228 4.25 4.66 5.95
C ILE A 228 5.02 4.98 4.69
N PRO A 229 4.52 5.88 3.84
CA PRO A 229 5.28 6.31 2.67
C PRO A 229 6.64 6.85 3.10
N GLY A 230 7.70 6.43 2.39
CA GLY A 230 9.07 6.88 2.62
C GLY A 230 9.23 8.40 2.68
N PRO A 231 8.69 9.21 1.78
CA PRO A 231 8.80 10.68 1.89
C PRO A 231 8.19 11.20 3.19
N LEU A 232 6.98 10.71 3.51
CA LEU A 232 6.31 11.19 4.71
C LEU A 232 7.17 10.85 5.92
N LEU A 233 7.65 9.60 5.94
CA LEU A 233 8.45 9.11 7.05
C LEU A 233 9.70 9.97 7.23
N ALA A 234 10.35 10.30 6.12
CA ALA A 234 11.56 11.10 6.15
C ALA A 234 11.26 12.46 6.79
N LYS A 235 10.15 13.11 6.39
CA LYS A 235 9.86 14.44 6.89
C LYS A 235 9.55 14.39 8.39
N LEU A 236 8.64 13.50 8.79
CA LEU A 236 8.24 13.39 10.18
C LEU A 236 9.45 13.10 11.06
N GLU A 237 10.33 12.22 10.59
CA GLU A 237 11.48 11.83 11.38
C GLU A 237 12.39 13.04 11.59
N ARG A 238 12.61 13.84 10.55
CA ARG A 238 13.42 15.04 10.68
C ARG A 238 12.87 15.97 11.76
N HIS A 239 11.55 16.09 11.88
CA HIS A 239 10.95 17.19 12.61
C HIS A 239 10.24 16.69 13.85
N GLN A 240 10.48 15.42 14.18
CA GLN A 240 9.75 14.72 15.22
C GLN A 240 9.79 15.44 16.57
N ASP A 241 10.79 16.31 16.79
CA ASP A 241 10.94 16.96 18.08
C ASP A 241 10.16 18.28 18.14
N ASP A 242 9.74 18.81 16.98
CA ASP A 242 8.85 19.96 16.94
C ASP A 242 7.38 19.51 16.73
N PRO A 243 6.50 19.41 17.76
CA PRO A 243 5.12 19.01 17.57
C PRO A 243 4.31 19.87 16.60
N LYS A 244 4.70 21.11 16.38
CA LYS A 244 3.92 21.96 15.50
C LYS A 244 4.26 21.62 14.05
N ALA A 245 5.54 21.31 13.78
CA ALA A 245 5.96 20.90 12.45
C ALA A 245 5.30 19.56 12.11
N VAL A 246 5.30 18.63 13.06
CA VAL A 246 4.63 17.34 12.88
C VAL A 246 3.14 17.55 12.55
N LEU A 247 2.43 18.33 13.36
CA LEU A 247 1.04 18.63 13.06
C LEU A 247 0.91 19.21 11.65
N GLU A 248 1.78 20.15 11.25
CA GLU A 248 1.63 20.75 9.93
C GLU A 248 1.87 19.72 8.81
N ILE A 249 2.87 18.85 8.99
CA ILE A 249 3.16 17.80 8.03
C ILE A 249 1.97 16.82 7.96
N GLY A 250 1.42 16.44 9.12
CA GLY A 250 0.35 15.44 9.14
C GLY A 250 -0.94 15.98 8.51
N VAL A 251 -1.19 17.26 8.73
CA VAL A 251 -2.37 17.95 8.22
C VAL A 251 -2.21 18.03 6.71
N GLU A 252 -1.03 18.44 6.24
CA GLU A 252 -0.85 18.62 4.81
C GLU A 252 -1.00 17.27 4.10
N HIS A 253 -0.41 16.22 4.67
CA HIS A 253 -0.50 14.91 4.08
C HIS A 253 -1.96 14.47 3.98
N ALA A 254 -2.73 14.61 5.05
CA ALA A 254 -4.12 14.17 5.07
C ALA A 254 -4.97 15.01 4.12
N VAL A 255 -4.66 16.31 4.00
CA VAL A 255 -5.37 17.15 3.05
C VAL A 255 -5.19 16.57 1.64
N ARG A 256 -3.94 16.32 1.22
CA ARG A 256 -3.68 15.69 -0.07
C ARG A 256 -4.47 14.39 -0.19
N GLN A 257 -4.50 13.56 0.86
CA GLN A 257 -5.18 12.28 0.75
C GLN A 257 -6.69 12.52 0.56
N VAL A 258 -7.28 13.35 1.41
CA VAL A 258 -8.72 13.51 1.44
C VAL A 258 -9.18 14.20 0.15
N ALA A 259 -8.36 15.13 -0.33
CA ALA A 259 -8.72 15.86 -1.55
C ALA A 259 -8.86 14.86 -2.69
N GLU A 260 -7.93 13.91 -2.78
CA GLU A 260 -8.03 12.92 -3.83
C GLU A 260 -9.21 11.96 -3.59
N LEU A 261 -9.47 11.51 -2.35
CA LEU A 261 -10.57 10.56 -2.11
C LEU A 261 -11.91 11.22 -2.48
N LEU A 262 -12.09 12.50 -2.14
CA LEU A 262 -13.35 13.17 -2.44
C LEU A 262 -13.50 13.35 -3.94
N GLU A 263 -12.46 13.82 -4.62
CA GLU A 263 -12.49 13.94 -6.08
C GLU A 263 -12.76 12.59 -6.73
N ALA A 264 -12.28 11.48 -6.16
CA ALA A 264 -12.61 10.18 -6.71
C ALA A 264 -14.05 9.75 -6.36
N GLY A 265 -14.78 10.49 -5.54
CA GLY A 265 -16.18 10.18 -5.26
C GLY A 265 -16.39 9.10 -4.18
N VAL A 266 -15.46 8.96 -3.22
CA VAL A 266 -15.70 8.06 -2.10
C VAL A 266 -17.02 8.45 -1.41
N GLU A 267 -17.63 7.49 -0.74
CA GLU A 267 -18.92 7.69 -0.10
C GLU A 267 -18.79 8.45 1.23
N GLY A 268 -17.58 8.50 1.79
CA GLY A 268 -17.28 9.38 2.91
C GLY A 268 -15.82 9.23 3.37
N VAL A 269 -15.52 9.87 4.50
CA VAL A 269 -14.23 9.82 5.16
C VAL A 269 -14.50 9.82 6.67
N HIS A 270 -13.91 8.82 7.36
CA HIS A 270 -13.92 8.64 8.80
C HIS A 270 -12.56 9.06 9.40
N PHE A 271 -12.57 10.05 10.30
CA PHE A 271 -11.33 10.52 10.86
C PHE A 271 -11.05 9.88 12.22
N TYR A 272 -9.84 9.33 12.40
CA TYR A 272 -9.33 8.96 13.72
C TYR A 272 -8.75 10.20 14.44
N THR A 273 -9.57 10.84 15.26
CA THR A 273 -9.24 12.11 15.88
C THR A 273 -8.39 11.94 17.15
N LEU A 274 -8.48 10.77 17.83
CA LEU A 274 -7.85 10.57 19.13
C LEU A 274 -8.35 11.61 20.15
N ASN A 275 -9.59 12.08 19.98
CA ASN A 275 -10.30 12.97 20.88
C ASN A 275 -9.78 14.39 20.80
N LYS A 276 -9.03 14.70 19.74
CA LYS A 276 -8.50 16.03 19.59
C LYS A 276 -9.13 16.69 18.39
N SER A 277 -9.24 18.03 18.41
CA SER A 277 -9.88 18.75 17.33
C SER A 277 -8.90 19.38 16.31
N PRO A 278 -7.75 19.96 16.71
CA PRO A 278 -6.91 20.72 15.76
C PRO A 278 -6.62 20.10 14.38
N ALA A 279 -6.13 18.86 14.33
CA ALA A 279 -5.69 18.36 13.04
C ALA A 279 -6.87 18.18 12.10
N THR A 280 -7.92 17.48 12.57
CA THR A 280 -9.08 17.21 11.75
C THR A 280 -9.76 18.52 11.34
N ARG A 281 -9.90 19.45 12.27
CA ARG A 281 -10.44 20.76 11.90
C ARG A 281 -9.64 21.36 10.73
N MET A 282 -8.31 21.36 10.87
CA MET A 282 -7.44 22.04 9.93
C MET A 282 -7.55 21.37 8.56
N VAL A 283 -7.57 20.03 8.54
CA VAL A 283 -7.75 19.32 7.30
C VAL A 283 -9.03 19.83 6.60
N LEU A 284 -10.16 19.81 7.32
CA LEU A 284 -11.44 20.14 6.68
C LEU A 284 -11.52 21.62 6.32
N GLU A 285 -11.04 22.50 7.22
CA GLU A 285 -10.98 23.92 6.88
C GLU A 285 -10.21 24.10 5.57
N ARG A 286 -9.03 23.51 5.45
CA ARG A 286 -8.21 23.76 4.27
C ARG A 286 -8.87 23.25 3.00
N LEU A 287 -9.62 22.16 3.09
CA LEU A 287 -10.40 21.68 1.96
C LEU A 287 -11.63 22.56 1.71
N GLY A 288 -11.86 23.60 2.51
CA GLY A 288 -13.04 24.45 2.30
C GLY A 288 -14.36 23.80 2.76
N LEU A 289 -14.33 22.93 3.77
CA LEU A 289 -15.51 22.12 4.12
C LEU A 289 -16.11 22.54 5.45
N ARG A 290 -15.79 23.73 5.94
CA ARG A 290 -16.53 24.30 7.05
C ARG A 290 -17.80 24.93 6.48
N PRO A 291 -19.02 24.46 6.83
CA PRO A 291 -20.25 25.07 6.32
C PRO A 291 -20.35 26.54 6.73
N MET B 1 16.33 -14.55 -26.11
CA MET B 1 14.93 -14.72 -26.38
C MET B 1 14.19 -13.48 -25.87
N LYS B 2 13.17 -13.07 -26.64
CA LYS B 2 12.36 -11.92 -26.31
C LYS B 2 11.49 -12.23 -25.09
N ILE B 3 11.37 -11.26 -24.17
CA ILE B 3 10.67 -11.51 -22.93
C ILE B 3 9.19 -11.81 -23.20
N ARG B 4 8.64 -11.18 -24.21
CA ARG B 4 7.26 -11.44 -24.59
C ARG B 4 7.03 -12.93 -24.84
N ASP B 5 8.00 -13.60 -25.49
CA ASP B 5 7.91 -15.02 -25.78
C ASP B 5 8.17 -15.88 -24.55
N LEU B 6 9.20 -15.53 -23.77
CA LEU B 6 9.51 -16.24 -22.54
C LEU B 6 8.28 -16.32 -21.67
N LEU B 7 7.50 -15.22 -21.63
CA LEU B 7 6.38 -15.12 -20.72
C LEU B 7 5.26 -16.07 -21.13
N LYS B 8 5.09 -16.33 -22.42
CA LYS B 8 4.09 -17.25 -22.91
C LYS B 8 4.55 -18.70 -22.87
N ALA B 9 5.83 -18.94 -23.20
CA ALA B 9 6.36 -20.29 -23.24
C ALA B 9 6.52 -20.85 -21.84
N ARG B 10 7.00 -20.03 -20.91
CA ARG B 10 7.30 -20.50 -19.57
C ARG B 10 6.08 -20.37 -18.68
N ARG B 11 5.67 -21.49 -18.12
CA ARG B 11 4.49 -21.55 -17.26
C ARG B 11 4.88 -21.38 -15.80
N GLY B 12 6.14 -21.71 -15.45
CA GLY B 12 6.65 -21.40 -14.15
C GLY B 12 7.20 -19.98 -14.19
N PRO B 13 7.68 -19.45 -13.07
CA PRO B 13 8.05 -18.04 -12.98
C PRO B 13 9.39 -17.67 -13.61
N LEU B 14 9.44 -16.48 -14.21
CA LEU B 14 10.70 -15.88 -14.63
C LEU B 14 11.35 -15.18 -13.43
N PHE B 15 12.57 -15.59 -13.03
CA PHE B 15 13.38 -14.80 -12.11
C PHE B 15 14.33 -13.91 -12.90
N SER B 16 14.35 -12.61 -12.58
CA SER B 16 15.29 -11.70 -13.21
C SER B 16 16.11 -10.99 -12.15
N PHE B 17 17.27 -10.44 -12.56
CA PHE B 17 18.10 -9.66 -11.64
C PHE B 17 18.45 -8.33 -12.27
N GLU B 18 18.49 -7.26 -11.47
CA GLU B 18 18.87 -5.97 -12.01
C GLU B 18 20.25 -5.54 -11.49
N PHE B 19 21.08 -5.05 -12.42
CA PHE B 19 22.40 -4.56 -12.07
C PHE B 19 22.60 -3.19 -12.66
N PHE B 20 23.55 -2.43 -12.07
CA PHE B 20 23.90 -1.11 -12.58
C PHE B 20 25.34 -1.10 -13.06
N PRO B 21 25.69 -0.24 -14.05
CA PRO B 21 27.07 -0.11 -14.54
C PRO B 21 27.95 0.49 -13.44
N PRO B 22 28.88 -0.26 -12.84
CA PRO B 22 29.77 0.28 -11.82
C PRO B 22 30.63 1.38 -12.40
N LYS B 23 31.12 2.23 -11.53
CA LYS B 23 31.79 3.43 -11.99
C LYS B 23 33.29 3.32 -11.77
N ASP B 24 33.79 2.21 -11.20
CA ASP B 24 35.22 2.09 -11.09
C ASP B 24 35.64 0.63 -11.17
N PRO B 25 36.91 0.38 -11.51
CA PRO B 25 37.47 -0.98 -11.52
C PRO B 25 37.08 -1.90 -10.37
N GLU B 26 37.10 -1.41 -9.13
CA GLU B 26 36.75 -2.21 -7.97
C GLU B 26 35.28 -2.64 -8.07
N GLY B 27 34.41 -1.70 -8.44
CA GLY B 27 32.98 -1.96 -8.60
C GLY B 27 32.70 -3.03 -9.66
N GLU B 28 33.51 -2.97 -10.71
CA GLU B 28 33.41 -3.86 -11.85
C GLU B 28 33.74 -5.29 -11.43
N GLU B 29 34.77 -5.43 -10.61
CA GLU B 29 35.16 -6.72 -10.10
C GLU B 29 34.06 -7.27 -9.20
N ALA B 30 33.45 -6.41 -8.38
CA ALA B 30 32.37 -6.80 -7.49
C ALA B 30 31.18 -7.32 -8.29
N LEU B 31 30.82 -6.63 -9.38
CA LEU B 31 29.71 -7.06 -10.21
C LEU B 31 30.03 -8.40 -10.89
N PHE B 32 31.26 -8.58 -11.39
CA PHE B 32 31.67 -9.85 -11.96
C PHE B 32 31.53 -10.98 -10.95
N ARG B 33 31.87 -10.71 -9.71
CA ARG B 33 31.73 -11.73 -8.69
C ARG B 33 30.25 -12.01 -8.43
N THR B 34 29.44 -10.94 -8.27
CA THR B 34 28.02 -11.08 -8.11
C THR B 34 27.42 -11.88 -9.27
N LEU B 35 27.85 -11.58 -10.50
CA LEU B 35 27.33 -12.28 -11.68
C LEU B 35 27.65 -13.76 -11.61
N GLU B 36 28.89 -14.06 -11.22
CA GLU B 36 29.31 -15.44 -11.19
C GLU B 36 28.45 -16.21 -10.18
N GLU B 37 28.08 -15.58 -9.07
CA GLU B 37 27.28 -16.24 -8.05
C GLU B 37 25.84 -16.40 -8.54
N LEU B 38 25.26 -15.30 -9.04
CA LEU B 38 23.83 -15.33 -9.34
C LEU B 38 23.54 -16.10 -10.63
N LYS B 39 24.49 -16.22 -11.56
CA LYS B 39 24.13 -16.84 -12.82
C LYS B 39 23.79 -18.32 -12.62
N ALA B 40 24.23 -18.94 -11.52
CA ALA B 40 23.88 -20.32 -11.28
C ALA B 40 22.37 -20.49 -11.08
N PHE B 41 21.64 -19.41 -10.75
CA PHE B 41 20.19 -19.51 -10.60
C PHE B 41 19.46 -19.44 -11.95
N ARG B 42 20.19 -19.22 -13.03
CA ARG B 42 19.66 -19.28 -14.37
C ARG B 42 18.50 -18.32 -14.48
N PRO B 43 18.75 -17.00 -14.30
CA PRO B 43 17.69 -16.02 -14.44
C PRO B 43 17.17 -15.98 -15.87
N ALA B 44 15.84 -15.73 -16.02
CA ALA B 44 15.22 -15.61 -17.32
C ALA B 44 15.80 -14.43 -18.07
N PHE B 45 16.16 -13.40 -17.33
CA PHE B 45 16.77 -12.25 -17.97
C PHE B 45 17.47 -11.43 -16.91
N VAL B 46 18.35 -10.54 -17.36
CA VAL B 46 19.13 -9.74 -16.45
C VAL B 46 19.11 -8.32 -16.98
N SER B 47 18.75 -7.36 -16.14
CA SER B 47 18.66 -6.00 -16.61
C SER B 47 19.93 -5.23 -16.24
N ILE B 48 20.28 -4.29 -17.11
CA ILE B 48 21.38 -3.38 -16.93
C ILE B 48 20.82 -1.96 -17.04
N THR B 49 21.00 -1.19 -15.97
CA THR B 49 20.43 0.13 -15.88
C THR B 49 21.28 1.11 -16.70
N TYR B 50 20.71 2.30 -16.86
CA TYR B 50 21.22 3.33 -17.74
C TYR B 50 21.18 4.67 -17.01
N GLY B 51 22.31 5.33 -16.86
CA GLY B 51 22.33 6.65 -16.25
C GLY B 51 21.39 7.62 -16.97
N ALA B 52 20.65 8.37 -16.16
CA ALA B 52 19.42 9.06 -16.53
C ALA B 52 19.60 9.91 -17.76
N MET B 53 20.73 10.64 -17.84
CA MET B 53 20.91 11.63 -18.91
C MET B 53 21.93 11.14 -19.95
N GLY B 54 22.28 9.85 -19.98
CA GLY B 54 23.14 9.34 -21.06
C GLY B 54 24.62 9.24 -20.66
N SER B 55 24.85 9.36 -19.36
CA SER B 55 26.15 9.36 -18.74
C SER B 55 26.82 7.97 -18.77
N THR B 56 26.04 6.88 -18.87
CA THR B 56 26.62 5.54 -18.82
C THR B 56 26.52 4.84 -20.15
N ARG B 57 26.16 5.58 -21.21
CA ARG B 57 25.73 4.97 -22.46
C ARG B 57 26.70 3.87 -22.91
N GLU B 58 28.00 4.17 -22.89
CA GLU B 58 29.00 3.22 -23.34
C GLU B 58 29.05 2.03 -22.38
N ARG B 59 29.03 2.32 -21.08
CA ARG B 59 29.19 1.26 -20.09
C ARG B 59 27.98 0.37 -20.07
N SER B 60 26.80 0.94 -20.33
CA SER B 60 25.57 0.14 -20.38
C SER B 60 25.64 -0.82 -21.55
N VAL B 61 26.11 -0.36 -22.72
CA VAL B 61 26.23 -1.21 -23.89
C VAL B 61 27.21 -2.35 -23.57
N ALA B 62 28.33 -2.00 -22.92
CA ALA B 62 29.40 -2.96 -22.72
C ALA B 62 28.96 -4.03 -21.73
N TRP B 63 28.21 -3.62 -20.71
CA TRP B 63 27.64 -4.57 -19.76
C TRP B 63 26.52 -5.42 -20.37
N ALA B 64 25.68 -4.85 -21.24
CA ALA B 64 24.69 -5.65 -21.97
C ALA B 64 25.41 -6.78 -22.72
N GLN B 65 26.52 -6.44 -23.39
CA GLN B 65 27.29 -7.42 -24.15
C GLN B 65 27.93 -8.47 -23.24
N ARG B 66 28.39 -8.02 -22.08
CA ARG B 66 29.02 -8.93 -21.13
C ARG B 66 28.02 -9.94 -20.57
N ILE B 67 26.80 -9.47 -20.30
CA ILE B 67 25.71 -10.35 -19.91
C ILE B 67 25.51 -11.42 -20.97
N GLN B 68 25.50 -11.00 -22.26
CA GLN B 68 25.33 -11.96 -23.35
C GLN B 68 26.47 -12.95 -23.37
N SER B 69 27.69 -12.48 -23.16
CA SER B 69 28.85 -13.36 -23.15
C SER B 69 28.74 -14.43 -22.06
N LEU B 70 28.01 -14.16 -20.97
CA LEU B 70 27.86 -15.17 -19.95
C LEU B 70 26.74 -16.12 -20.26
N GLY B 71 26.07 -16.01 -21.41
CA GLY B 71 24.95 -16.89 -21.69
C GLY B 71 23.65 -16.36 -21.10
N LEU B 72 23.61 -15.10 -20.69
CA LEU B 72 22.43 -14.57 -20.05
C LEU B 72 21.73 -13.63 -21.04
N ASN B 73 20.46 -13.38 -20.79
CA ASN B 73 19.58 -12.70 -21.71
C ASN B 73 19.40 -11.27 -21.22
N PRO B 74 20.01 -10.26 -21.85
CA PRO B 74 19.95 -8.91 -21.31
C PRO B 74 18.62 -8.22 -21.53
N LEU B 75 18.21 -7.43 -20.54
CA LEU B 75 17.16 -6.42 -20.70
C LEU B 75 17.88 -5.08 -20.58
N ALA B 76 17.92 -4.30 -21.66
CA ALA B 76 18.71 -3.09 -21.68
C ALA B 76 17.79 -1.92 -21.35
N HIS B 77 18.08 -1.21 -20.26
CA HIS B 77 17.31 -0.01 -19.94
C HIS B 77 17.77 1.13 -20.83
N LEU B 78 16.83 2.02 -21.20
CA LEU B 78 17.19 3.20 -21.96
C LEU B 78 16.30 4.36 -21.55
N THR B 79 16.91 5.53 -21.28
CA THR B 79 16.18 6.73 -20.84
C THR B 79 16.13 7.77 -21.96
N VAL B 80 15.26 8.79 -21.79
CA VAL B 80 15.14 9.90 -22.73
C VAL B 80 15.68 11.20 -22.15
N ALA B 81 15.81 11.32 -20.84
CA ALA B 81 16.27 12.56 -20.21
C ALA B 81 17.64 12.95 -20.75
N GLY B 82 17.79 14.25 -20.99
CA GLY B 82 19.10 14.86 -21.18
C GLY B 82 19.76 14.44 -22.49
N GLN B 83 18.97 13.94 -23.43
CA GLN B 83 19.49 13.44 -24.68
C GLN B 83 18.58 13.94 -25.80
N SER B 84 19.16 14.26 -26.95
CA SER B 84 18.39 14.48 -28.14
C SER B 84 17.73 13.16 -28.56
N ARG B 85 16.74 13.27 -29.46
CA ARG B 85 16.07 12.11 -30.00
C ARG B 85 17.04 11.25 -30.77
N LYS B 86 17.97 11.93 -31.45
CA LYS B 86 18.98 11.30 -32.28
C LYS B 86 19.99 10.52 -31.42
N GLU B 87 20.44 11.13 -30.34
CA GLU B 87 21.30 10.44 -29.38
C GLU B 87 20.62 9.15 -28.87
N VAL B 88 19.31 9.25 -28.52
CA VAL B 88 18.60 8.12 -27.94
C VAL B 88 18.49 7.05 -29.01
N ALA B 89 18.12 7.46 -30.22
CA ALA B 89 18.02 6.52 -31.34
C ALA B 89 19.36 5.83 -31.62
N GLU B 90 20.49 6.57 -31.55
CA GLU B 90 21.80 5.98 -31.79
C GLU B 90 22.11 4.90 -30.75
N VAL B 91 21.88 5.20 -29.47
CA VAL B 91 22.16 4.21 -28.44
C VAL B 91 21.31 2.96 -28.66
N LEU B 92 20.04 3.16 -28.98
CA LEU B 92 19.10 2.08 -29.26
C LEU B 92 19.60 1.19 -30.40
N HIS B 93 20.15 1.82 -31.45
CA HIS B 93 20.66 1.05 -32.58
C HIS B 93 21.84 0.18 -32.14
N ARG B 94 22.69 0.75 -31.27
CA ARG B 94 23.86 0.04 -30.78
C ARG B 94 23.50 -1.16 -29.91
N PHE B 95 22.42 -1.04 -29.13
CA PHE B 95 21.90 -2.16 -28.36
C PHE B 95 21.38 -3.23 -29.32
N VAL B 96 20.58 -2.81 -30.29
CA VAL B 96 19.99 -3.75 -31.21
C VAL B 96 21.07 -4.41 -32.09
N GLU B 97 22.07 -3.66 -32.58
CA GLU B 97 23.15 -4.21 -33.41
C GLU B 97 24.01 -5.15 -32.56
N SER B 98 24.00 -5.03 -31.23
CA SER B 98 24.67 -6.00 -30.38
C SER B 98 23.90 -7.31 -30.23
N GLY B 99 22.66 -7.38 -30.76
CA GLY B 99 21.83 -8.59 -30.60
C GLY B 99 20.90 -8.52 -29.38
N VAL B 100 20.83 -7.33 -28.75
CA VAL B 100 19.92 -7.17 -27.62
C VAL B 100 18.51 -7.13 -28.19
N GLU B 101 17.62 -7.94 -27.63
CA GLU B 101 16.25 -8.01 -28.15
C GLU B 101 15.21 -7.55 -27.13
N ASN B 102 15.65 -7.12 -25.96
CA ASN B 102 14.77 -6.69 -24.88
C ASN B 102 15.17 -5.30 -24.40
N LEU B 103 14.22 -4.35 -24.46
CA LEU B 103 14.50 -3.03 -23.97
C LEU B 103 13.50 -2.62 -22.91
N LEU B 104 13.99 -1.84 -21.95
CA LEU B 104 13.13 -1.23 -20.96
C LEU B 104 13.19 0.26 -21.18
N ALA B 105 12.07 0.77 -21.66
CA ALA B 105 11.98 2.17 -22.07
C ALA B 105 11.47 3.00 -20.89
N LEU B 106 12.30 3.99 -20.50
CA LEU B 106 12.17 4.80 -19.31
C LEU B 106 12.35 6.28 -19.63
N ARG B 107 11.75 7.15 -18.81
CA ARG B 107 11.99 8.58 -18.91
C ARG B 107 13.37 8.93 -18.36
N GLY B 108 13.71 8.44 -17.14
CA GLY B 108 14.87 8.95 -16.42
C GLY B 108 14.51 10.19 -15.58
N ASP B 109 15.38 10.54 -14.64
CA ASP B 109 15.20 11.67 -13.74
C ASP B 109 16.27 12.72 -14.00
N PRO B 110 16.03 13.99 -13.56
CA PRO B 110 16.99 15.09 -13.76
C PRO B 110 18.06 15.21 -12.68
N PHE B 117 11.76 18.17 -13.81
CA PHE B 117 12.16 17.51 -15.08
C PHE B 117 11.73 18.37 -16.24
N ARG B 118 12.69 18.78 -17.08
CA ARG B 118 12.40 19.38 -18.36
C ARG B 118 13.07 18.55 -19.42
N PRO B 119 12.42 18.24 -20.55
CA PRO B 119 13.10 17.52 -21.63
C PRO B 119 14.28 18.27 -22.25
N HIS B 120 15.14 17.51 -22.91
CA HIS B 120 16.15 18.05 -23.75
C HIS B 120 15.48 18.80 -24.90
N PRO B 121 16.02 19.97 -25.30
CA PRO B 121 15.43 20.76 -26.39
C PRO B 121 15.03 20.00 -27.65
N GLU B 122 15.77 18.95 -28.05
CA GLU B 122 15.30 18.04 -29.08
C GLU B 122 15.20 16.63 -28.53
N GLY B 123 14.71 16.53 -27.30
CA GLY B 123 14.54 15.27 -26.60
C GLY B 123 13.06 14.88 -26.57
N PHE B 124 12.79 13.70 -26.05
CA PHE B 124 11.45 13.23 -25.77
C PHE B 124 11.03 13.72 -24.38
N ARG B 125 9.72 13.74 -24.13
CA ARG B 125 9.19 14.16 -22.84
C ARG B 125 8.81 12.95 -21.99
N TYR B 126 8.39 11.85 -22.66
CA TYR B 126 7.78 10.72 -21.99
C TYR B 126 8.38 9.40 -22.49
N ALA B 127 8.45 8.42 -21.59
CA ALA B 127 8.87 7.08 -21.98
C ALA B 127 7.99 6.53 -23.12
N ALA B 128 6.71 6.91 -23.20
CA ALA B 128 5.85 6.39 -24.24
C ALA B 128 6.34 6.80 -25.64
N GLU B 129 7.03 7.95 -25.76
CA GLU B 129 7.55 8.37 -27.06
C GLU B 129 8.75 7.49 -27.49
N LEU B 130 9.56 7.07 -26.55
CA LEU B 130 10.57 6.06 -26.85
C LEU B 130 9.95 4.72 -27.22
N VAL B 131 8.91 4.31 -26.49
CA VAL B 131 8.22 3.07 -26.83
C VAL B 131 7.79 3.14 -28.31
N ALA B 132 7.22 4.28 -28.70
CA ALA B 132 6.69 4.42 -30.05
C ALA B 132 7.83 4.44 -31.08
N LEU B 133 8.93 5.12 -30.76
CA LEU B 133 10.12 5.07 -31.59
C LEU B 133 10.51 3.62 -31.89
N ILE B 134 10.60 2.80 -30.85
CA ILE B 134 11.16 1.47 -30.97
C ILE B 134 10.26 0.68 -31.90
N ARG B 135 8.95 0.79 -31.69
CA ARG B 135 8.01 0.01 -32.48
C ARG B 135 8.00 0.52 -33.92
N GLU B 136 8.06 1.84 -34.11
CA GLU B 136 8.14 2.41 -35.45
C GLU B 136 9.34 1.85 -36.19
N ARG B 137 10.50 1.80 -35.54
CA ARG B 137 11.68 1.34 -36.25
C ARG B 137 11.84 -0.17 -36.30
N TYR B 138 11.46 -0.90 -35.22
CA TYR B 138 11.87 -2.30 -35.10
C TYR B 138 10.67 -3.24 -35.03
N GLY B 139 9.45 -2.71 -35.02
CA GLY B 139 8.30 -3.60 -34.97
C GLY B 139 8.41 -4.60 -33.82
N ASP B 140 8.11 -5.86 -34.13
CA ASP B 140 8.14 -6.96 -33.19
C ASP B 140 9.51 -7.63 -33.12
N ARG B 141 10.52 -7.11 -33.81
CA ARG B 141 11.85 -7.68 -33.74
C ARG B 141 12.47 -7.51 -32.35
N VAL B 142 11.90 -6.66 -31.49
CA VAL B 142 12.33 -6.61 -30.11
C VAL B 142 11.12 -6.73 -29.19
N SER B 143 11.41 -6.90 -27.90
CA SER B 143 10.38 -6.85 -26.87
C SER B 143 10.63 -5.63 -25.97
N VAL B 144 9.56 -4.88 -25.66
CA VAL B 144 9.68 -3.60 -24.96
C VAL B 144 8.87 -3.64 -23.65
N GLY B 145 9.53 -3.22 -22.56
CA GLY B 145 8.93 -3.11 -21.25
C GLY B 145 8.90 -1.66 -20.79
N GLY B 146 8.13 -1.38 -19.74
CA GLY B 146 8.09 -0.05 -19.14
C GLY B 146 7.95 -0.15 -17.62
N ALA B 147 8.22 0.96 -16.94
CA ALA B 147 8.00 1.01 -15.48
C ALA B 147 6.51 1.13 -15.10
N ALA B 148 6.14 0.45 -14.01
CA ALA B 148 4.84 0.65 -13.34
C ALA B 148 5.06 1.00 -11.85
N TYR B 149 4.14 1.80 -11.28
CA TYR B 149 4.27 2.30 -9.91
C TYR B 149 3.03 1.91 -9.13
N PRO B 150 3.03 0.74 -8.43
CA PRO B 150 1.86 0.31 -7.64
C PRO B 150 1.37 1.37 -6.67
N GLU B 151 2.28 2.19 -6.14
CA GLU B 151 1.87 3.20 -5.17
C GLU B 151 1.83 4.59 -5.82
N GLY B 152 2.00 4.64 -7.14
CA GLY B 152 1.83 5.86 -7.94
C GLY B 152 3.14 6.62 -8.05
N HIS B 153 3.44 7.17 -9.22
CA HIS B 153 4.68 7.91 -9.43
C HIS B 153 4.60 9.21 -8.63
N PRO B 154 5.69 9.65 -7.96
CA PRO B 154 5.66 10.85 -7.11
C PRO B 154 5.17 12.09 -7.83
N GLU B 155 5.49 12.20 -9.11
CA GLU B 155 5.16 13.38 -9.90
C GLU B 155 3.73 13.41 -10.42
N SER B 156 3.00 12.28 -10.42
CA SER B 156 1.63 12.23 -10.96
C SER B 156 0.68 13.10 -10.11
N GLU B 157 -0.22 13.83 -10.79
CA GLU B 157 -1.16 14.73 -10.11
C GLU B 157 -2.13 13.89 -9.26
N SER B 158 -2.49 12.69 -9.73
CA SER B 158 -3.41 11.79 -9.05
C SER B 158 -3.08 10.35 -9.47
N LEU B 159 -3.69 9.41 -8.75
CA LEU B 159 -3.52 8.00 -9.06
C LEU B 159 -4.28 7.61 -10.32
N GLU B 160 -5.40 8.31 -10.55
CA GLU B 160 -6.20 8.14 -11.73
C GLU B 160 -5.41 8.58 -12.97
N ALA B 161 -4.77 9.76 -12.91
CA ALA B 161 -3.87 10.22 -13.96
C ALA B 161 -2.66 9.29 -14.14
N ASP B 162 -2.12 8.76 -13.03
CA ASP B 162 -0.99 7.84 -13.07
C ASP B 162 -1.33 6.60 -13.89
N LEU B 163 -2.51 6.01 -13.64
CA LEU B 163 -2.89 4.76 -14.25
C LEU B 163 -3.25 5.03 -15.71
N ARG B 164 -3.92 6.17 -15.96
CA ARG B 164 -4.20 6.59 -17.32
C ARG B 164 -2.91 6.78 -18.14
N HIS B 165 -1.89 7.41 -17.54
CA HIS B 165 -0.60 7.64 -18.17
C HIS B 165 0.16 6.35 -18.43
N PHE B 166 0.10 5.44 -17.47
CA PHE B 166 0.63 4.09 -17.66
C PHE B 166 -0.13 3.41 -18.81
N LYS B 167 -1.45 3.60 -18.90
CA LYS B 167 -2.19 2.90 -19.93
C LYS B 167 -1.77 3.41 -21.32
N ALA B 168 -1.59 4.71 -21.44
CA ALA B 168 -1.16 5.29 -22.71
C ALA B 168 0.19 4.70 -23.09
N LYS B 169 1.06 4.46 -22.08
CA LYS B 169 2.38 3.91 -22.34
C LYS B 169 2.27 2.48 -22.88
N VAL B 170 1.46 1.68 -22.19
CA VAL B 170 1.18 0.34 -22.66
C VAL B 170 0.75 0.38 -24.13
N GLU B 171 -0.16 1.29 -24.46
CA GLU B 171 -0.74 1.34 -25.80
C GLU B 171 0.27 1.78 -26.84
N ALA B 172 1.33 2.49 -26.44
CA ALA B 172 2.39 2.81 -27.37
C ALA B 172 3.07 1.54 -27.91
N GLY B 173 2.92 0.42 -27.19
CA GLY B 173 3.49 -0.85 -27.57
C GLY B 173 4.38 -1.54 -26.54
N LEU B 174 3.96 -1.55 -25.26
CA LEU B 174 4.62 -2.37 -24.26
C LEU B 174 4.13 -3.83 -24.37
N ASP B 175 5.07 -4.76 -24.22
CA ASP B 175 4.79 -6.17 -24.01
C ASP B 175 4.65 -6.53 -22.52
N PHE B 176 5.37 -5.84 -21.63
CA PHE B 176 5.32 -6.19 -20.22
C PHE B 176 5.69 -4.95 -19.43
N ALA B 177 5.50 -5.03 -18.11
CA ALA B 177 5.96 -3.94 -17.27
C ALA B 177 6.60 -4.54 -16.04
N ILE B 178 7.54 -3.77 -15.46
CA ILE B 178 8.16 -4.11 -14.21
C ILE B 178 7.81 -3.03 -13.19
N THR B 179 7.46 -3.45 -11.97
CA THR B 179 7.01 -2.52 -10.96
C THR B 179 8.19 -1.96 -10.19
N GLN B 180 7.99 -0.72 -9.74
CA GLN B 180 8.75 -0.17 -8.64
C GLN B 180 8.71 -1.11 -7.44
N LEU B 181 9.75 -1.04 -6.62
CA LEU B 181 9.80 -1.86 -5.43
C LEU B 181 8.63 -1.62 -4.46
N PHE B 182 8.25 -2.67 -3.75
CA PHE B 182 7.17 -2.60 -2.78
C PHE B 182 7.45 -3.63 -1.67
N PHE B 183 6.89 -3.38 -0.47
CA PHE B 183 7.23 -4.19 0.68
C PHE B 183 6.01 -4.89 1.28
N ASN B 184 4.83 -4.61 0.72
CA ASN B 184 3.61 -5.31 1.10
C ASN B 184 2.92 -5.75 -0.19
N ASN B 185 2.71 -7.05 -0.32
CA ASN B 185 2.16 -7.57 -1.54
C ASN B 185 0.79 -6.94 -1.86
N ALA B 186 0.03 -6.48 -0.86
CA ALA B 186 -1.22 -5.78 -1.15
C ALA B 186 -1.03 -4.65 -2.15
N HIS B 187 0.13 -3.97 -2.15
CA HIS B 187 0.35 -2.85 -3.05
C HIS B 187 0.38 -3.33 -4.50
N TYR B 188 1.01 -4.48 -4.70
CA TYR B 188 1.08 -5.10 -6.00
C TYR B 188 -0.25 -5.63 -6.50
N PHE B 189 -0.95 -6.42 -5.67
CA PHE B 189 -2.21 -7.02 -6.07
C PHE B 189 -3.23 -5.92 -6.35
N GLY B 190 -3.21 -4.86 -5.54
CA GLY B 190 -4.12 -3.75 -5.74
C GLY B 190 -3.92 -3.10 -7.11
N PHE B 191 -2.66 -2.83 -7.42
CA PHE B 191 -2.31 -2.17 -8.63
C PHE B 191 -2.79 -3.06 -9.79
N LEU B 192 -2.54 -4.35 -9.63
CA LEU B 192 -2.78 -5.29 -10.70
C LEU B 192 -4.28 -5.24 -11.01
N GLU B 193 -5.13 -5.33 -9.97
CA GLU B 193 -6.55 -5.32 -10.19
C GLU B 193 -6.97 -4.02 -10.85
N ARG B 194 -6.41 -2.89 -10.40
CA ARG B 194 -6.78 -1.60 -10.97
C ARG B 194 -6.39 -1.58 -12.46
N ALA B 195 -5.17 -2.03 -12.78
CA ALA B 195 -4.73 -2.11 -14.17
C ALA B 195 -5.69 -2.93 -15.04
N ARG B 196 -6.07 -4.10 -14.54
CA ARG B 196 -6.96 -4.98 -15.26
C ARG B 196 -8.32 -4.28 -15.45
N ARG B 197 -8.86 -3.67 -14.40
CA ARG B 197 -10.08 -2.92 -14.57
C ARG B 197 -9.92 -1.84 -15.65
N ALA B 198 -8.72 -1.27 -15.82
CA ALA B 198 -8.51 -0.20 -16.78
C ALA B 198 -8.36 -0.75 -18.20
N GLY B 199 -8.45 -2.07 -18.35
CA GLY B 199 -8.36 -2.76 -19.63
C GLY B 199 -6.93 -3.17 -20.01
N ILE B 200 -5.99 -3.21 -19.06
CA ILE B 200 -4.60 -3.51 -19.39
C ILE B 200 -4.37 -4.99 -19.19
N GLY B 201 -3.83 -5.64 -20.21
CA GLY B 201 -3.70 -7.09 -20.21
C GLY B 201 -2.26 -7.61 -20.23
N ILE B 202 -1.24 -6.75 -20.31
CA ILE B 202 0.15 -7.20 -20.41
C ILE B 202 0.61 -7.76 -19.08
N PRO B 203 1.53 -8.74 -19.04
CA PRO B 203 2.10 -9.14 -17.76
C PRO B 203 2.78 -7.97 -17.06
N ILE B 204 2.62 -7.93 -15.74
CA ILE B 204 3.25 -6.91 -14.92
C ILE B 204 4.04 -7.64 -13.84
N LEU B 205 5.37 -7.60 -13.94
CA LEU B 205 6.29 -8.29 -13.05
C LEU B 205 6.59 -7.47 -11.81
N PRO B 206 6.41 -8.07 -10.61
CA PRO B 206 6.77 -7.43 -9.34
C PRO B 206 8.26 -7.23 -9.16
N GLY B 207 8.65 -5.99 -8.85
CA GLY B 207 10.01 -5.65 -8.45
C GLY B 207 10.14 -5.77 -6.95
N ILE B 208 11.14 -6.57 -6.53
CA ILE B 208 11.46 -6.82 -5.13
C ILE B 208 12.91 -6.39 -4.85
N MET B 209 13.06 -5.56 -3.80
CA MET B 209 14.35 -5.24 -3.19
C MET B 209 14.47 -5.88 -1.80
N PRO B 210 15.31 -6.92 -1.62
CA PRO B 210 15.64 -7.44 -0.29
C PRO B 210 16.46 -6.40 0.47
N VAL B 211 16.07 -6.08 1.70
CA VAL B 211 16.74 -5.05 2.45
C VAL B 211 18.02 -5.62 3.05
N THR B 212 19.11 -4.89 2.88
CA THR B 212 20.40 -5.20 3.47
C THR B 212 20.91 -4.04 4.32
N SER B 213 20.19 -2.92 4.37
CA SER B 213 20.65 -1.78 5.15
C SER B 213 19.48 -0.83 5.41
N TYR B 214 19.28 -0.53 6.69
CA TYR B 214 18.27 0.41 7.15
C TYR B 214 18.34 1.71 6.35
N ARG B 215 19.56 2.25 6.18
CA ARG B 215 19.76 3.57 5.58
C ARG B 215 19.29 3.50 4.15
N GLN B 216 19.73 2.44 3.47
CA GLN B 216 19.40 2.29 2.07
C GLN B 216 17.89 2.18 1.90
N LEU B 217 17.22 1.35 2.71
CA LEU B 217 15.77 1.29 2.66
C LEU B 217 15.18 2.69 2.77
N ARG B 218 15.66 3.46 3.75
CA ARG B 218 15.12 4.80 3.97
C ARG B 218 15.31 5.71 2.77
N ARG B 219 16.53 5.77 2.23
CA ARG B 219 16.81 6.64 1.08
C ARG B 219 16.03 6.19 -0.16
N PHE B 220 15.98 4.89 -0.45
CA PHE B 220 15.27 4.42 -1.63
C PHE B 220 13.77 4.75 -1.58
N THR B 221 13.11 4.48 -0.47
CA THR B 221 11.67 4.67 -0.37
C THR B 221 11.39 6.16 -0.37
N GLU B 222 12.29 6.90 0.27
CA GLU B 222 12.15 8.36 0.23
C GLU B 222 12.18 8.86 -1.22
N VAL B 223 13.06 8.35 -2.06
CA VAL B 223 13.15 8.92 -3.40
C VAL B 223 12.01 8.38 -4.25
N CYS B 224 11.71 7.09 -4.15
CA CYS B 224 10.83 6.52 -5.16
C CYS B 224 9.36 6.58 -4.72
N GLY B 225 9.09 6.85 -3.44
CA GLY B 225 7.73 7.02 -2.99
C GLY B 225 7.11 5.76 -2.40
N ALA B 226 7.87 4.67 -2.28
CA ALA B 226 7.31 3.43 -1.78
C ALA B 226 7.08 3.53 -0.28
N SER B 227 6.24 2.66 0.26
CA SER B 227 5.91 2.70 1.66
C SER B 227 6.55 1.51 2.39
N ILE B 228 6.76 1.67 3.70
CA ILE B 228 7.36 0.60 4.49
C ILE B 228 6.34 0.18 5.53
N PRO B 229 6.03 -1.13 5.65
CA PRO B 229 5.18 -1.58 6.74
C PRO B 229 5.78 -1.24 8.10
N GLY B 230 4.90 -0.89 9.03
CA GLY B 230 5.28 -0.46 10.37
C GLY B 230 6.06 -1.55 11.10
N PRO B 231 5.60 -2.81 11.11
CA PRO B 231 6.33 -3.88 11.75
C PRO B 231 7.74 -3.99 11.21
N LEU B 232 7.90 -3.94 9.89
CA LEU B 232 9.23 -4.15 9.31
C LEU B 232 10.16 -3.00 9.70
N LEU B 233 9.65 -1.77 9.65
CA LEU B 233 10.43 -0.59 10.00
C LEU B 233 10.95 -0.69 11.44
N ALA B 234 10.07 -1.00 12.36
CA ALA B 234 10.42 -1.14 13.77
C ALA B 234 11.57 -2.17 13.92
N LYS B 235 11.44 -3.31 13.25
CA LYS B 235 12.35 -4.42 13.48
C LYS B 235 13.74 -4.06 12.93
N LEU B 236 13.76 -3.48 11.72
CA LEU B 236 14.98 -2.97 11.13
C LEU B 236 15.57 -1.87 12.00
N GLU B 237 14.71 -0.97 12.49
CA GLU B 237 15.23 0.14 13.28
C GLU B 237 15.98 -0.38 14.52
N ARG B 238 15.41 -1.37 15.22
CA ARG B 238 16.04 -1.96 16.39
C ARG B 238 17.41 -2.54 16.06
N HIS B 239 17.56 -3.26 14.94
CA HIS B 239 18.79 -4.00 14.68
C HIS B 239 19.66 -3.29 13.65
N GLN B 240 19.40 -2.00 13.44
CA GLN B 240 20.04 -1.27 12.37
C GLN B 240 21.56 -1.30 12.46
N ASP B 241 22.12 -1.54 13.66
CA ASP B 241 23.55 -1.44 13.82
C ASP B 241 24.21 -2.79 13.64
N ASP B 242 23.41 -3.86 13.63
CA ASP B 242 23.89 -5.21 13.38
C ASP B 242 23.60 -5.62 11.94
N PRO B 243 24.52 -5.36 11.00
CA PRO B 243 24.33 -5.74 9.60
C PRO B 243 23.86 -7.16 9.32
N LYS B 244 24.36 -8.12 10.10
CA LYS B 244 23.96 -9.50 9.91
C LYS B 244 22.48 -9.65 10.28
N ALA B 245 22.04 -8.96 11.32
CA ALA B 245 20.65 -9.08 11.72
C ALA B 245 19.76 -8.48 10.62
N VAL B 246 20.23 -7.39 10.03
CA VAL B 246 19.45 -6.63 9.07
C VAL B 246 19.29 -7.46 7.82
N LEU B 247 20.40 -8.04 7.37
CA LEU B 247 20.39 -8.91 6.22
C LEU B 247 19.42 -10.06 6.47
N GLU B 248 19.40 -10.56 7.69
CA GLU B 248 18.50 -11.66 8.03
C GLU B 248 17.04 -11.20 7.93
N ILE B 249 16.77 -10.00 8.44
CA ILE B 249 15.41 -9.51 8.53
C ILE B 249 14.89 -9.23 7.12
N GLY B 250 15.69 -8.51 6.31
CA GLY B 250 15.39 -8.27 4.89
C GLY B 250 15.10 -9.54 4.08
N VAL B 251 15.93 -10.56 4.26
CA VAL B 251 15.78 -11.82 3.55
C VAL B 251 14.48 -12.50 3.95
N GLU B 252 14.22 -12.60 5.25
CA GLU B 252 13.00 -13.23 5.73
C GLU B 252 11.79 -12.52 5.11
N HIS B 253 11.79 -11.18 5.14
CA HIS B 253 10.68 -10.40 4.63
C HIS B 253 10.50 -10.64 3.11
N ALA B 254 11.58 -10.63 2.34
CA ALA B 254 11.48 -10.87 0.90
C ALA B 254 11.02 -12.29 0.62
N VAL B 255 11.47 -13.23 1.46
CA VAL B 255 11.03 -14.60 1.32
C VAL B 255 9.52 -14.69 1.52
N ARG B 256 9.01 -14.07 2.58
CA ARG B 256 7.57 -14.06 2.84
C ARG B 256 6.88 -13.40 1.65
N GLN B 257 7.45 -12.29 1.16
CA GLN B 257 6.80 -11.61 0.05
C GLN B 257 6.75 -12.54 -1.17
N VAL B 258 7.89 -13.11 -1.54
CA VAL B 258 7.99 -13.80 -2.81
C VAL B 258 7.24 -15.14 -2.78
N ALA B 259 7.18 -15.80 -1.61
CA ALA B 259 6.42 -17.05 -1.52
C ALA B 259 4.96 -16.81 -1.87
N GLU B 260 4.39 -15.71 -1.37
CA GLU B 260 3.00 -15.43 -1.65
C GLU B 260 2.81 -15.03 -3.11
N LEU B 261 3.71 -14.23 -3.68
CA LEU B 261 3.56 -13.83 -5.07
C LEU B 261 3.55 -15.08 -5.95
N LEU B 262 4.44 -16.04 -5.69
CA LEU B 262 4.51 -17.25 -6.50
C LEU B 262 3.29 -18.14 -6.33
N GLU B 263 2.83 -18.38 -5.11
CA GLU B 263 1.61 -19.15 -4.91
C GLU B 263 0.40 -18.47 -5.57
N ALA B 264 0.43 -17.15 -5.73
CA ALA B 264 -0.68 -16.46 -6.36
C ALA B 264 -0.56 -16.55 -7.87
N GLY B 265 0.55 -17.07 -8.40
CA GLY B 265 0.67 -17.27 -9.85
C GLY B 265 1.31 -16.13 -10.63
N VAL B 266 2.18 -15.31 -10.00
CA VAL B 266 2.78 -14.22 -10.77
C VAL B 266 3.68 -14.81 -11.83
N GLU B 267 3.88 -14.04 -12.88
CA GLU B 267 4.63 -14.49 -14.04
C GLU B 267 6.14 -14.53 -13.76
N GLY B 268 6.60 -13.75 -12.78
CA GLY B 268 8.02 -13.69 -12.50
C GLY B 268 8.30 -12.77 -11.32
N VAL B 269 9.58 -12.70 -10.92
CA VAL B 269 10.01 -11.75 -9.92
C VAL B 269 11.34 -11.17 -10.37
N HIS B 270 11.36 -9.85 -10.40
CA HIS B 270 12.54 -9.04 -10.68
C HIS B 270 13.21 -8.53 -9.39
N PHE B 271 14.48 -8.86 -9.19
CA PHE B 271 15.20 -8.52 -7.97
C PHE B 271 16.12 -7.33 -8.18
N TYR B 272 15.96 -6.30 -7.33
CA TYR B 272 16.92 -5.21 -7.30
C TYR B 272 18.10 -5.61 -6.40
N THR B 273 19.24 -5.98 -7.01
CA THR B 273 20.32 -6.60 -6.25
C THR B 273 21.31 -5.57 -5.71
N LEU B 274 21.32 -4.40 -6.32
CA LEU B 274 22.32 -3.37 -6.07
C LEU B 274 23.73 -3.94 -6.20
N ASN B 275 23.91 -4.85 -7.18
CA ASN B 275 25.19 -5.43 -7.56
C ASN B 275 25.74 -6.34 -6.46
N LYS B 276 24.91 -6.83 -5.55
CA LYS B 276 25.39 -7.75 -4.53
C LYS B 276 24.60 -9.06 -4.60
N SER B 277 25.25 -10.18 -4.22
CA SER B 277 24.68 -11.51 -4.39
C SER B 277 24.00 -12.03 -3.12
N PRO B 278 24.50 -11.78 -1.90
CA PRO B 278 24.02 -12.53 -0.74
C PRO B 278 22.50 -12.55 -0.53
N ALA B 279 21.87 -11.37 -0.49
CA ALA B 279 20.45 -11.34 -0.17
C ALA B 279 19.65 -12.16 -1.17
N THR B 280 19.85 -11.87 -2.46
CA THR B 280 19.06 -12.50 -3.50
C THR B 280 19.29 -14.01 -3.47
N ARG B 281 20.54 -14.41 -3.22
CA ARG B 281 20.90 -15.80 -3.16
C ARG B 281 20.16 -16.48 -2.01
N MET B 282 20.12 -15.81 -0.87
CA MET B 282 19.52 -16.40 0.31
C MET B 282 18.03 -16.53 0.07
N VAL B 283 17.40 -15.53 -0.55
CA VAL B 283 15.97 -15.58 -0.76
C VAL B 283 15.65 -16.77 -1.67
N LEU B 284 16.37 -16.89 -2.78
CA LEU B 284 16.10 -17.99 -3.69
C LEU B 284 16.43 -19.35 -3.07
N GLU B 285 17.56 -19.48 -2.37
CA GLU B 285 17.87 -20.75 -1.72
C GLU B 285 16.80 -21.10 -0.67
N ARG B 286 16.25 -20.12 0.08
CA ARG B 286 15.24 -20.43 1.08
C ARG B 286 13.93 -20.87 0.44
N LEU B 287 13.66 -20.41 -0.78
CA LEU B 287 12.46 -20.82 -1.48
C LEU B 287 12.63 -22.16 -2.18
N GLY B 288 13.81 -22.78 -2.10
CA GLY B 288 14.09 -24.02 -2.78
C GLY B 288 14.39 -23.87 -4.27
N LEU B 289 14.97 -22.75 -4.68
CA LEU B 289 15.00 -22.33 -6.08
C LEU B 289 16.41 -22.26 -6.64
N ARG B 290 17.34 -23.04 -6.06
CA ARG B 290 18.63 -23.22 -6.71
C ARG B 290 18.52 -24.39 -7.67
N PRO B 291 18.64 -24.25 -9.01
CA PRO B 291 18.41 -25.38 -9.89
C PRO B 291 19.34 -26.50 -9.40
PA FAD C . -12.33 -10.37 12.22
O1A FAD C . -13.06 -9.94 11.03
O2A FAD C . -12.92 -11.19 13.35
O5B FAD C . -10.95 -11.04 11.73
C5B FAD C . -9.94 -11.40 12.75
C4B FAD C . -8.80 -12.17 12.12
O4B FAD C . -9.26 -13.51 11.83
C3B FAD C . -8.26 -11.71 10.77
O3B FAD C . -7.04 -12.38 10.50
C2B FAD C . -9.30 -12.28 9.80
O2B FAD C . -8.88 -12.34 8.45
C1B FAD C . -9.45 -13.66 10.44
N9A FAD C . -10.75 -14.31 10.18
C8A FAD C . -12.00 -13.71 10.02
N7A FAD C . -12.95 -14.60 9.83
C5A FAD C . -12.28 -15.83 9.85
C6A FAD C . -12.74 -17.16 9.69
N6A FAD C . -14.03 -17.49 9.52
N1A FAD C . -11.81 -18.16 9.77
C2A FAD C . -10.53 -17.83 9.97
N3A FAD C . -9.99 -16.63 10.13
C4A FAD C . -10.94 -15.66 10.06
N1 FAD C . -10.86 -2.86 18.40
C2 FAD C . -11.37 -2.68 19.64
O2 FAD C . -11.03 -3.42 20.60
N3 FAD C . -12.28 -1.66 19.90
C4 FAD C . -12.70 -0.78 18.92
O4 FAD C . -13.50 0.11 19.20
C4X FAD C . -12.20 -0.97 17.63
N5 FAD C . -12.64 -0.16 16.67
C5X FAD C . -12.15 -0.40 15.41
C6 FAD C . -12.62 0.39 14.35
C7 FAD C . -12.18 0.20 13.06
C7M FAD C . -12.67 1.07 11.92
C8 FAD C . -11.22 -0.77 12.79
C8M FAD C . -10.71 -0.96 11.38
C9 FAD C . -10.76 -1.58 13.81
C9A FAD C . -11.21 -1.42 15.13
N10 FAD C . -10.77 -2.22 16.18
C10 FAD C . -11.26 -2.04 17.46
C1' FAD C . -9.69 -3.23 15.95
C2' FAD C . -10.12 -4.67 15.74
O2' FAD C . -10.76 -5.08 16.93
C3' FAD C . -8.87 -5.50 15.40
O3' FAD C . -8.37 -5.21 14.08
C4' FAD C . -9.01 -7.01 15.54
O4' FAD C . -7.72 -7.60 15.54
C5' FAD C . -9.79 -7.67 14.45
O5' FAD C . -11.19 -7.34 14.54
P FAD C . -12.08 -7.52 13.24
O1P FAD C . -13.51 -7.30 13.61
O2P FAD C . -11.47 -6.76 12.12
O3P FAD C . -11.74 -9.08 12.97
H51A FAD C . -10.37 -11.94 13.45
H52A FAD C . -9.60 -10.57 13.16
H4B FAD C . -8.06 -12.22 12.77
H3B FAD C . -8.17 -10.72 10.68
HO3A FAD C . -6.79 -12.07 9.69
H2B FAD C . -10.14 -11.77 9.86
HO2A FAD C . -9.43 -12.65 7.95
H1B FAD C . -8.74 -14.24 10.07
H8A FAD C . -12.18 -12.79 10.07
H61A FAD C . -14.32 -18.25 9.84
H62A FAD C . -14.56 -16.94 9.10
H2A FAD C . -9.93 -18.56 10.01
HN3 FAD C . -12.57 -1.56 20.71
H6 FAD C . -13.26 1.07 14.53
HM71 FAD C . -11.93 1.30 11.34
HM72 FAD C . -13.07 1.88 12.28
HM73 FAD C . -13.33 0.58 11.41
HM81 FAD C . -10.20 -1.78 11.33
HM82 FAD C . -10.15 -0.21 11.13
HM83 FAD C . -11.47 -1.01 10.77
H9 FAD C . -10.12 -2.26 13.61
H1'1 FAD C . -9.09 -3.21 16.73
H1'2 FAD C . -9.16 -2.94 15.18
H2' FAD C . -10.77 -4.72 14.99
HO2' FAD C . -10.28 -5.66 17.30
H3' FAD C . -8.17 -5.21 16.04
HO3' FAD C . -8.14 -5.90 13.72
H4' FAD C . -9.46 -7.22 16.43
HO4' FAD C . -7.77 -8.30 15.19
H5'1 FAD C . -9.69 -8.64 14.51
H5'2 FAD C . -9.45 -7.37 13.57
NA NA D . -23.73 8.02 -0.90
PA FAD E . 6.87 8.07 -17.65
O1A FAD E . 6.00 6.90 -17.90
O2A FAD E . 7.40 8.95 -18.73
O5B FAD E . 6.13 9.01 -16.57
C5B FAD E . 6.90 10.15 -16.03
C4B FAD E . 5.93 11.08 -15.35
O4B FAD E . 5.10 11.69 -16.37
C3B FAD E . 4.94 10.41 -14.39
O3B FAD E . 4.43 11.36 -13.47
C2B FAD E . 3.78 10.02 -15.31
O2B FAD E . 2.55 9.83 -14.64
C1B FAD E . 3.75 11.26 -16.21
N9A FAD E . 3.17 11.07 -17.54
C8A FAD E . 3.25 9.95 -18.38
N7A FAD E . 2.62 10.17 -19.52
C5A FAD E . 2.09 11.45 -19.42
C6A FAD E . 1.32 12.25 -20.29
N6A FAD E . 0.92 11.85 -21.51
N1A FAD E . 0.98 13.50 -19.87
C2A FAD E . 1.41 13.91 -18.68
N3A FAD E . 2.12 13.25 -17.76
C4A FAD E . 2.44 12.02 -18.21
N1 FAD E . 15.64 5.53 -14.20
C2 FAD E . 16.81 5.77 -14.82
O2 FAD E . 17.23 6.94 -14.94
N3 FAD E . 17.57 4.74 -15.33
C4 FAD E . 17.17 3.43 -15.27
O4 FAD E . 17.90 2.59 -15.77
C4X FAD E . 15.93 3.14 -14.60
N5 FAD E . 15.48 1.90 -14.52
C5X FAD E . 14.25 1.72 -13.92
C6 FAD E . 13.73 0.41 -13.84
C7 FAD E . 12.51 0.14 -13.26
C7M FAD E . 11.97 -1.27 -13.27
C8 FAD E . 11.75 1.21 -12.73
C8M FAD E . 10.42 0.99 -12.08
C9 FAD E . 12.27 2.50 -12.77
C9A FAD E . 13.50 2.78 -13.37
N10 FAD E . 14.01 4.07 -13.47
C10 FAD E . 15.22 4.29 -14.10
C1' FAD E . 13.29 5.24 -12.92
C2' FAD E . 12.54 6.11 -13.93
O2' FAD E . 13.33 6.75 -14.92
C3' FAD E . 11.86 7.19 -13.07
O3' FAD E . 10.90 6.56 -12.24
C4' FAD E . 11.22 8.34 -13.84
O4' FAD E . 10.96 9.38 -12.91
C5' FAD E . 9.96 7.93 -14.56
O5' FAD E . 10.21 7.08 -15.71
P FAD E . 8.96 6.35 -16.39
O1P FAD E . 9.33 5.74 -17.69
O2P FAD E . 8.37 5.49 -15.34
O3P FAD E . 8.09 7.65 -16.72
H51A FAD E . 7.37 10.63 -16.76
H52A FAD E . 7.57 9.83 -15.38
H4B FAD E . 6.44 11.78 -14.88
H3B FAD E . 5.32 9.61 -13.93
HO3A FAD E . 3.80 10.94 -13.01
H2B FAD E . 4.01 9.21 -15.85
HO2A FAD E . 1.98 9.50 -15.20
H1B FAD E . 3.24 11.96 -15.74
H8A FAD E . 3.70 9.15 -18.19
H61A FAD E . 0.44 12.40 -22.00
H62A FAD E . 1.15 11.06 -21.81
H2A FAD E . 1.14 14.78 -18.42
HN3 FAD E . 18.32 4.95 -15.73
H6 FAD E . 14.22 -0.31 -14.22
HM71 FAD E . 11.12 -1.31 -12.79
HM72 FAD E . 12.60 -1.86 -12.83
HM73 FAD E . 11.84 -1.57 -14.18
HM81 FAD E . 10.05 1.82 -11.78
HM82 FAD E . 10.53 0.39 -11.32
HM83 FAD E . 9.82 0.58 -12.72
H9 FAD E . 11.74 3.22 -12.41
H1'1 FAD E . 13.94 5.79 -12.44
H1'2 FAD E . 12.65 4.92 -12.25
H2' FAD E . 11.84 5.57 -14.38
HO2' FAD E . 13.34 7.53 -14.79
H3' FAD E . 12.56 7.58 -12.49
HO3' FAD E . 10.22 7.02 -12.15
H4' FAD E . 11.87 8.68 -14.53
HO4' FAD E . 10.29 9.80 -13.09
H5'1 FAD E . 9.49 8.73 -14.86
H5'2 FAD E . 9.37 7.45 -13.94
NA NA F . 4.35 -17.22 -18.04
#